data_2FLD
#
_entry.id   2FLD
#
_cell.length_a   41.961
_cell.length_b   42.981
_cell.length_c   71.545
_cell.angle_alpha   72.29
_cell.angle_beta   72.30
_cell.angle_gamma   70.51
#
_symmetry.space_group_name_H-M   'P 1'
#
loop_
_entity.id
_entity.type
_entity.pdbx_description
1 polymer "5'-D(*GP*CP*AP*GP*AP*AP*GP*GP*TP*CP*GP*TP*GP*AP*GP*AP*CP*CP*GP*TP*TP*CP*CP*G)-3'"
2 polymer "5'-D(*CP*GP*GP*AP*AP*CP*GP*GP*TP*CP*TP*CP*AP*CP*GP*AP*CP*CP*TP*TP*CP*TP*GP*C)-3'"
3 polymer 'DNA ENDONUCLEASE I-MSOI'
4 non-polymer 'SODIUM ION'
5 non-polymer 'CALCIUM ION'
6 water water
#
loop_
_entity_poly.entity_id
_entity_poly.type
_entity_poly.pdbx_seq_one_letter_code
_entity_poly.pdbx_strand_id
1 'polydeoxyribonucleotide'
;(DG)(DC)(DA)(DG)(DA)(DA)(DG)(DG)(DT)(DC)(DG)(DT)(DG)(DA)(DG)(DA)(DC)(DC)(DG)(DT)
(DT)(DC)(DC)(DG)
;
C
2 'polydeoxyribonucleotide'
;(DC)(DG)(DG)(DA)(DA)(DC)(DG)(DG)(DT)(DC)(DT)(DC)(DA)(DC)(DG)(DA)(DC)(DC)(DT)(DT)
(DC)(DT)(DG)(DC)
;
D
3 'polypeptide(L)'
;TLQPTEAAYIAGFLDGDGSIYALLIPRPDYKDIKYQVSLAISFIQRKDKFPYLQDIYDQLGKRGNLRKDRGDGIADYRII
GSTHLSIILPDLVPYLRIKKKQANRILHIINLYPQAQKNPSKFLDLVKIVDDVQNLNKRADELKSTNYDRLLEEFLKAGK
IESSP
;
A,B
#
# COMPACT_ATOMS: atom_id res chain seq x y z
N THR C 1 -6.55 1.99 -22.91
CA THR C 1 -6.31 0.54 -22.66
C THR C 1 -6.40 0.19 -21.17
N LEU C 2 -6.45 1.22 -20.32
CA LEU C 2 -6.55 1.00 -18.88
C LEU C 2 -7.96 0.57 -18.50
N GLN C 3 -8.11 -0.69 -18.10
CA GLN C 3 -9.42 -1.20 -17.71
C GLN C 3 -9.75 -0.70 -16.30
N PRO C 4 -11.04 -0.60 -15.98
CA PRO C 4 -11.52 -0.14 -14.67
C PRO C 4 -10.84 -0.75 -13.45
N THR C 5 -10.84 -2.07 -13.36
CA THR C 5 -10.22 -2.74 -12.21
C THR C 5 -8.70 -2.60 -12.18
N GLU C 6 -8.10 -2.21 -13.31
CA GLU C 6 -6.66 -2.02 -13.35
C GLU C 6 -6.36 -0.66 -12.72
N ALA C 7 -7.13 0.34 -13.15
CA ALA C 7 -6.97 1.68 -12.61
C ALA C 7 -7.27 1.63 -11.11
N ALA C 8 -8.30 0.88 -10.74
CA ALA C 8 -8.71 0.74 -9.34
C ALA C 8 -7.63 0.07 -8.50
N TYR C 9 -7.04 -0.99 -9.03
CA TYR C 9 -5.99 -1.67 -8.29
C TYR C 9 -4.82 -0.71 -8.07
N ILE C 10 -4.45 0.01 -9.12
CA ILE C 10 -3.33 0.94 -9.08
C ILE C 10 -3.56 2.08 -8.09
N ALA C 11 -4.78 2.59 -8.06
CA ALA C 11 -5.12 3.66 -7.13
C ALA C 11 -4.98 3.10 -5.71
N GLY C 12 -5.42 1.86 -5.51
CA GLY C 12 -5.32 1.23 -4.21
C GLY C 12 -3.87 1.05 -3.76
N PHE C 13 -3.04 0.59 -4.68
CA PHE C 13 -1.63 0.38 -4.42
C PHE C 13 -0.92 1.73 -4.23
N LEU C 14 -1.36 2.73 -4.99
CA LEU C 14 -0.82 4.08 -4.92
C LEU C 14 -1.19 4.70 -3.57
N ASP C 15 -2.41 4.45 -3.10
CA ASP C 15 -2.85 4.97 -1.82
C ASP C 15 -2.08 4.27 -0.72
N GLY C 16 -1.51 3.13 -1.06
CA GLY C 16 -0.77 2.35 -0.08
C GLY C 16 0.71 2.62 -0.06
N ASP C 17 1.42 2.10 -1.04
CA ASP C 17 2.85 2.30 -1.15
C ASP C 17 3.31 3.44 -2.04
N GLY C 18 2.38 4.28 -2.46
CA GLY C 18 2.74 5.36 -3.37
C GLY C 18 2.72 6.77 -2.81
N SER C 19 2.93 7.74 -3.68
CA SER C 19 2.98 9.14 -3.29
C SER C 19 2.59 10.10 -4.42
N ILE C 20 1.89 11.16 -4.05
CA ILE C 20 1.46 12.19 -4.99
C ILE C 20 1.98 13.46 -4.32
N TYR C 21 2.91 14.12 -4.98
CA TYR C 21 3.52 15.31 -4.39
C TYR C 21 3.93 16.34 -5.40
N ALA C 22 4.12 17.55 -4.89
CA ALA C 22 4.53 18.67 -5.72
C ALA C 22 5.61 19.41 -4.93
N LEU C 23 6.57 19.98 -5.64
CA LEU C 23 7.64 20.70 -4.98
C LEU C 23 8.18 21.83 -5.85
N LEU C 24 8.89 22.75 -5.19
CA LEU C 24 9.46 23.90 -5.86
C LEU C 24 10.98 23.69 -5.97
N ILE C 25 11.47 23.68 -7.20
CA ILE C 25 12.89 23.48 -7.47
C ILE C 25 13.58 24.80 -7.78
N PRO C 26 14.69 25.09 -7.08
CA PRO C 26 15.37 26.36 -7.36
C PRO C 26 16.12 26.24 -8.70
N ARG C 27 15.95 27.24 -9.55
CA ARG C 27 16.61 27.24 -10.84
C ARG C 27 17.39 28.54 -11.03
N PRO C 28 18.71 28.52 -10.75
CA PRO C 28 19.58 29.69 -10.88
C PRO C 28 19.62 30.20 -12.32
N ASP C 29 19.66 29.24 -13.24
CA ASP C 29 19.70 29.52 -14.67
C ASP C 29 18.43 30.16 -15.24
N TYR C 30 17.35 30.18 -14.45
CA TYR C 30 16.10 30.79 -14.90
C TYR C 30 16.17 32.30 -14.78
N LYS C 31 15.15 33.00 -15.27
CA LYS C 31 15.14 34.45 -15.22
C LYS C 31 14.28 35.05 -14.10
N ASP C 32 13.23 35.77 -14.48
CA ASP C 32 12.36 36.41 -13.50
C ASP C 32 11.83 35.51 -12.39
N ILE C 33 11.49 34.27 -12.72
CA ILE C 33 11.03 33.34 -11.68
C ILE C 33 12.03 32.19 -11.66
N LYS C 34 12.98 32.26 -10.74
CA LYS C 34 14.03 31.26 -10.61
C LYS C 34 13.59 29.97 -9.94
N TYR C 35 12.38 29.54 -10.27
CA TYR C 35 11.82 28.32 -9.71
C TYR C 35 11.05 27.52 -10.74
N GLN C 36 11.07 26.21 -10.58
CA GLN C 36 10.35 25.31 -11.47
C GLN C 36 9.46 24.44 -10.61
N VAL C 37 8.18 24.36 -10.95
CA VAL C 37 7.28 23.51 -10.18
C VAL C 37 7.38 22.10 -10.73
N SER C 38 7.57 21.12 -9.84
CA SER C 38 7.66 19.74 -10.25
C SER C 38 6.45 19.05 -9.64
N LEU C 39 5.80 18.20 -10.43
CA LEU C 39 4.61 17.47 -9.97
C LEU C 39 4.91 16.02 -10.24
N ALA C 40 4.40 15.13 -9.41
CA ALA C 40 4.68 13.72 -9.63
C ALA C 40 3.87 12.76 -8.79
N ILE C 41 3.88 11.52 -9.24
CA ILE C 41 3.28 10.44 -8.47
C ILE C 41 4.36 9.37 -8.50
N SER C 42 4.46 8.58 -7.45
CA SER C 42 5.46 7.54 -7.46
C SER C 42 5.00 6.32 -6.70
N PHE C 43 5.63 5.20 -7.00
CA PHE C 43 5.37 3.94 -6.34
C PHE C 43 6.72 3.49 -5.78
N ILE C 44 6.73 3.02 -4.54
CA ILE C 44 7.95 2.59 -3.89
C ILE C 44 7.81 1.15 -3.41
N GLN C 45 8.87 0.35 -3.57
CA GLN C 45 8.81 -1.04 -3.14
C GLN C 45 10.21 -1.65 -3.00
N ARG C 46 10.37 -2.61 -2.10
CA ARG C 46 11.65 -3.28 -1.94
C ARG C 46 12.04 -3.86 -3.32
N LYS C 47 13.29 -3.69 -3.71
CA LYS C 47 13.77 -4.12 -5.04
C LYS C 47 13.43 -5.50 -5.56
N ASP C 48 13.26 -6.49 -4.69
CA ASP C 48 12.92 -7.83 -5.18
C ASP C 48 11.52 -7.84 -5.78
N LYS C 49 10.74 -6.79 -5.49
CA LYS C 49 9.39 -6.66 -6.02
C LYS C 49 9.31 -5.79 -7.27
N PHE C 50 10.47 -5.41 -7.80
CA PHE C 50 10.54 -4.56 -8.98
C PHE C 50 9.59 -4.91 -10.13
N PRO C 51 9.44 -6.21 -10.46
CA PRO C 51 8.54 -6.59 -11.56
C PRO C 51 7.12 -6.03 -11.42
N TYR C 52 6.61 -6.03 -10.19
CA TYR C 52 5.27 -5.50 -9.94
C TYR C 52 5.19 -4.04 -10.36
N LEU C 53 6.24 -3.28 -10.07
CA LEU C 53 6.26 -1.88 -10.46
C LEU C 53 6.29 -1.82 -11.98
N GLN C 54 7.09 -2.71 -12.56
CA GLN C 54 7.24 -2.80 -14.01
C GLN C 54 5.86 -3.04 -14.64
N ASP C 55 5.09 -3.93 -14.04
CA ASP C 55 3.75 -4.24 -14.55
C ASP C 55 2.87 -2.99 -14.57
N ILE C 56 2.93 -2.20 -13.50
CA ILE C 56 2.13 -0.98 -13.41
C ILE C 56 2.60 0.01 -14.47
N TYR C 57 3.90 -0.01 -14.73
CA TYR C 57 4.51 0.85 -15.74
C TYR C 57 3.86 0.56 -17.10
N ASP C 58 3.76 -0.71 -17.45
CA ASP C 58 3.15 -1.10 -18.74
C ASP C 58 1.68 -0.74 -18.82
N GLN C 59 0.95 -0.97 -17.73
CA GLN C 59 -0.46 -0.65 -17.71
C GLN C 59 -0.68 0.86 -17.86
N LEU C 60 0.31 1.65 -17.47
CA LEU C 60 0.20 3.09 -17.57
C LEU C 60 0.85 3.62 -18.84
N GLY C 61 0.93 2.75 -19.85
CA GLY C 61 1.49 3.13 -21.13
C GLY C 61 2.98 3.41 -21.18
N LYS C 62 3.73 2.88 -20.21
CA LYS C 62 5.18 3.08 -20.16
C LYS C 62 5.59 4.54 -20.01
N ARG C 63 4.83 5.28 -19.22
CA ARG C 63 5.16 6.68 -18.98
C ARG C 63 5.85 6.68 -17.64
N GLY C 64 6.93 7.46 -17.50
CA GLY C 64 7.63 7.51 -16.23
C GLY C 64 9.01 6.90 -16.25
N ASN C 65 9.65 6.92 -15.09
CA ASN C 65 10.99 6.39 -14.94
C ASN C 65 11.03 5.34 -13.85
N LEU C 66 11.59 4.18 -14.18
CA LEU C 66 11.71 3.06 -13.24
C LEU C 66 13.14 2.99 -12.74
N ARG C 67 13.32 2.57 -11.50
CA ARG C 67 14.64 2.40 -10.93
C ARG C 67 14.69 1.07 -10.20
N LYS C 68 15.48 0.14 -10.71
CA LYS C 68 15.61 -1.18 -10.10
C LYS C 68 16.10 -1.01 -8.65
N ASP C 69 16.83 0.08 -8.42
CA ASP C 69 17.37 0.35 -7.09
C ASP C 69 17.71 1.83 -6.98
N ARG C 70 17.13 2.50 -5.99
CA ARG C 70 17.38 3.93 -5.77
C ARG C 70 18.78 4.12 -5.23
N GLY C 71 19.33 3.05 -4.65
CA GLY C 71 20.66 3.09 -4.06
C GLY C 71 20.64 2.54 -2.64
N ASP C 72 19.44 2.30 -2.11
CA ASP C 72 19.29 1.75 -0.75
C ASP C 72 18.53 0.43 -0.75
N GLY C 73 18.59 -0.30 -1.85
CA GLY C 73 17.89 -1.57 -1.92
C GLY C 73 16.41 -1.42 -2.22
N ILE C 74 15.97 -0.19 -2.44
CA ILE C 74 14.56 0.08 -2.72
C ILE C 74 14.37 0.47 -4.18
N ALA C 75 13.28 0.00 -4.76
CA ALA C 75 13.00 0.30 -6.14
C ALA C 75 11.83 1.26 -6.22
N ASP C 76 11.77 2.04 -7.29
CA ASP C 76 10.64 2.94 -7.46
C ASP C 76 10.30 3.19 -8.92
N TYR C 77 9.16 3.83 -9.10
CA TYR C 77 8.62 4.19 -10.41
C TYR C 77 8.03 5.59 -10.20
N ARG C 78 8.68 6.58 -10.81
CA ARG C 78 8.27 7.97 -10.68
C ARG C 78 7.77 8.54 -11.99
N ILE C 79 6.60 9.15 -11.93
CA ILE C 79 5.99 9.75 -13.12
C ILE C 79 5.97 11.24 -12.83
N ILE C 80 6.86 11.97 -13.49
CA ILE C 80 6.99 13.41 -13.32
C ILE C 80 6.48 14.21 -14.53
N GLY C 81 5.83 15.34 -14.26
CA GLY C 81 5.37 16.20 -15.34
C GLY C 81 3.92 16.20 -15.74
N SER C 82 3.44 17.36 -16.21
CA SER C 82 2.04 17.46 -16.63
C SER C 82 1.71 16.52 -17.80
N THR C 83 2.65 16.40 -18.73
CA THR C 83 2.42 15.54 -19.89
C THR C 83 1.91 14.17 -19.49
N HIS C 84 2.64 13.48 -18.62
CA HIS C 84 2.23 12.15 -18.16
C HIS C 84 1.07 12.19 -17.19
N LEU C 85 1.16 13.07 -16.20
CA LEU C 85 0.13 13.20 -15.17
C LEU C 85 -1.24 13.65 -15.67
N SER C 86 -1.29 14.50 -16.69
CA SER C 86 -2.59 14.96 -17.19
C SER C 86 -3.36 13.80 -17.81
N ILE C 87 -2.65 12.77 -18.24
CA ILE C 87 -3.31 11.61 -18.82
C ILE C 87 -3.66 10.55 -17.79
N ILE C 88 -2.70 10.29 -16.90
CA ILE C 88 -2.85 9.26 -15.87
C ILE C 88 -3.77 9.61 -14.71
N LEU C 89 -3.56 10.75 -14.09
CA LEU C 89 -4.40 11.11 -12.95
C LEU C 89 -5.91 10.99 -13.19
N PRO C 90 -6.41 11.47 -14.34
CA PRO C 90 -7.86 11.35 -14.59
C PRO C 90 -8.33 9.91 -14.44
N ASP C 91 -7.52 8.96 -14.89
CA ASP C 91 -7.86 7.55 -14.77
C ASP C 91 -7.84 7.03 -13.33
N LEU C 92 -6.99 7.60 -12.49
CA LEU C 92 -6.90 7.11 -11.11
C LEU C 92 -7.79 7.82 -10.10
N VAL C 93 -8.10 9.09 -10.37
CA VAL C 93 -8.92 9.92 -9.48
C VAL C 93 -10.20 9.26 -8.95
N PRO C 94 -11.02 8.67 -9.83
CA PRO C 94 -12.27 8.04 -9.39
C PRO C 94 -12.07 6.89 -8.40
N TYR C 95 -10.85 6.34 -8.35
CA TYR C 95 -10.57 5.24 -7.43
C TYR C 95 -9.71 5.62 -6.25
N LEU C 96 -9.01 6.76 -6.36
CA LEU C 96 -8.15 7.21 -5.27
C LEU C 96 -8.99 7.54 -4.04
N ARG C 97 -8.53 7.11 -2.87
CA ARG C 97 -9.27 7.42 -1.66
C ARG C 97 -8.39 8.29 -0.76
N ILE C 98 -7.35 7.70 -0.18
CA ILE C 98 -6.47 8.46 0.70
C ILE C 98 -5.78 9.65 0.06
N LYS C 99 -5.28 9.48 -1.16
CA LYS C 99 -4.57 10.55 -1.85
C LYS C 99 -5.36 11.22 -2.97
N LYS C 100 -6.69 11.11 -2.90
CA LYS C 100 -7.55 11.72 -3.91
C LYS C 100 -7.40 13.25 -3.96
N LYS C 101 -7.38 13.89 -2.80
CA LYS C 101 -7.23 15.33 -2.80
C LYS C 101 -5.91 15.76 -3.44
N GLN C 102 -4.81 15.17 -3.00
CA GLN C 102 -3.51 15.49 -3.58
C GLN C 102 -3.54 15.45 -5.10
N ALA C 103 -4.19 14.42 -5.65
CA ALA C 103 -4.30 14.23 -7.09
C ALA C 103 -5.06 15.37 -7.79
N ASN C 104 -6.15 15.80 -7.17
CA ASN C 104 -6.94 16.88 -7.73
C ASN C 104 -6.21 18.21 -7.68
N ARG C 105 -5.31 18.36 -6.71
CA ARG C 105 -4.51 19.58 -6.59
C ARG C 105 -3.46 19.61 -7.70
N ILE C 106 -2.85 18.47 -7.99
CA ILE C 106 -1.86 18.40 -9.06
C ILE C 106 -2.58 18.85 -10.34
N LEU C 107 -3.74 18.26 -10.59
CA LEU C 107 -4.55 18.61 -11.74
C LEU C 107 -4.84 20.11 -11.82
N HIS C 108 -5.13 20.73 -10.68
CA HIS C 108 -5.41 22.14 -10.67
C HIS C 108 -4.14 22.91 -11.06
N ILE C 109 -3.00 22.49 -10.51
CA ILE C 109 -1.74 23.13 -10.84
C ILE C 109 -1.54 23.05 -12.35
N ILE C 110 -1.72 21.85 -12.89
CA ILE C 110 -1.54 21.65 -14.32
C ILE C 110 -2.44 22.59 -15.12
N ASN C 111 -3.65 22.83 -14.62
CA ASN C 111 -4.57 23.74 -15.30
C ASN C 111 -4.02 25.17 -15.33
N LEU C 112 -3.56 25.63 -14.17
CA LEU C 112 -3.05 26.98 -14.02
C LEU C 112 -1.65 27.27 -14.56
N TYR C 113 -0.82 26.24 -14.64
CA TYR C 113 0.57 26.41 -15.09
C TYR C 113 0.88 27.26 -16.33
N PRO C 114 0.23 26.98 -17.47
CA PRO C 114 0.47 27.74 -18.69
C PRO C 114 0.46 29.27 -18.54
N GLN C 115 -0.49 29.78 -17.78
CA GLN C 115 -0.58 31.23 -17.57
C GLN C 115 0.21 31.75 -16.37
N ALA C 116 0.69 30.84 -15.54
CA ALA C 116 1.46 31.23 -14.36
C ALA C 116 2.96 31.30 -14.63
N GLN C 117 3.39 30.59 -15.66
CA GLN C 117 4.79 30.51 -16.06
C GLN C 117 5.66 31.76 -15.90
N LYS C 118 5.17 32.91 -16.34
CA LYS C 118 5.95 34.15 -16.26
C LYS C 118 5.18 35.30 -15.66
N ASN C 119 4.23 35.00 -14.79
CA ASN C 119 3.44 36.03 -14.14
C ASN C 119 3.60 35.82 -12.65
N PRO C 120 4.45 36.64 -12.01
CA PRO C 120 4.72 36.55 -10.56
C PRO C 120 3.49 36.33 -9.69
N SER C 121 2.47 37.16 -9.86
CA SER C 121 1.25 37.02 -9.05
C SER C 121 0.58 35.65 -9.27
N LYS C 122 0.45 35.25 -10.53
CA LYS C 122 -0.16 33.97 -10.85
C LYS C 122 0.70 32.82 -10.33
N PHE C 123 2.00 32.90 -10.59
CA PHE C 123 2.92 31.86 -10.13
C PHE C 123 2.74 31.63 -8.63
N LEU C 124 2.49 32.69 -7.88
CA LEU C 124 2.30 32.58 -6.43
C LEU C 124 1.05 31.77 -6.09
N ASP C 125 -0.05 32.07 -6.75
CA ASP C 125 -1.29 31.34 -6.49
C ASP C 125 -1.04 29.87 -6.74
N LEU C 126 -0.17 29.60 -7.71
CA LEU C 126 0.17 28.25 -8.08
C LEU C 126 1.08 27.62 -7.03
N VAL C 127 1.92 28.43 -6.38
CA VAL C 127 2.82 27.91 -5.37
C VAL C 127 2.04 27.60 -4.09
N LYS C 128 0.94 28.31 -3.87
CA LYS C 128 0.13 28.07 -2.68
C LYS C 128 -0.47 26.66 -2.76
N ILE C 129 -0.75 26.19 -3.97
CA ILE C 129 -1.30 24.86 -4.16
C ILE C 129 -0.22 23.85 -3.83
N VAL C 130 1.02 24.18 -4.15
CA VAL C 130 2.14 23.30 -3.85
C VAL C 130 2.21 23.11 -2.34
N ASP C 131 2.03 24.21 -1.59
CA ASP C 131 2.06 24.13 -0.13
C ASP C 131 0.95 23.19 0.38
N ASP C 132 -0.26 23.39 -0.14
CA ASP C 132 -1.41 22.57 0.27
C ASP C 132 -1.13 21.09 0.03
N VAL C 133 -0.61 20.76 -1.15
CA VAL C 133 -0.31 19.38 -1.48
C VAL C 133 0.71 18.81 -0.49
N GLN C 134 1.74 19.61 -0.22
CA GLN C 134 2.77 19.19 0.71
C GLN C 134 2.20 19.08 2.11
N ASN C 135 1.33 20.00 2.50
CA ASN C 135 0.74 19.93 3.83
C ASN C 135 -0.18 18.72 3.99
N LEU C 136 -0.87 18.34 2.91
CA LEU C 136 -1.75 17.17 2.96
C LEU C 136 -0.95 15.89 3.19
N ASN C 137 0.35 15.94 2.89
CA ASN C 137 1.22 14.78 3.08
C ASN C 137 1.95 14.82 4.42
N LYS C 138 1.46 15.64 5.34
CA LYS C 138 2.08 15.77 6.65
C LYS C 138 1.11 15.39 7.77
N ARG C 139 1.67 15.14 8.95
CA ARG C 139 0.86 14.83 10.13
C ARG C 139 0.44 16.23 10.56
N ALA C 140 -0.64 16.35 11.33
CA ALA C 140 -1.14 17.64 11.77
C ALA C 140 -0.15 18.47 12.57
N ASP C 141 0.63 17.83 13.43
CA ASP C 141 1.58 18.55 14.27
C ASP C 141 2.97 18.81 13.64
N GLU C 142 3.07 18.69 12.33
CA GLU C 142 4.34 18.95 11.67
C GLU C 142 4.32 20.39 11.15
N LEU C 143 5.50 20.98 10.98
CA LEU C 143 5.57 22.34 10.48
C LEU C 143 5.07 22.39 9.05
N LYS C 144 4.06 23.23 8.81
CA LYS C 144 3.50 23.36 7.47
C LYS C 144 4.46 23.96 6.44
N SER C 145 4.22 23.62 5.18
CA SER C 145 5.06 24.15 4.11
C SER C 145 4.80 25.64 4.04
N THR C 146 5.84 26.38 3.70
CA THR C 146 5.73 27.83 3.64
C THR C 146 6.41 28.41 2.40
N ASN C 147 6.22 27.76 1.25
CA ASN C 147 6.80 28.21 -0.01
C ASN C 147 6.16 29.50 -0.48
N TYR C 148 4.86 29.64 -0.23
CA TYR C 148 4.14 30.83 -0.62
C TYR C 148 4.67 32.04 0.15
N ASP C 149 4.78 31.92 1.47
CA ASP C 149 5.26 33.03 2.29
C ASP C 149 6.67 33.43 1.87
N ARG C 150 7.53 32.44 1.66
CA ARG C 150 8.91 32.73 1.28
C ARG C 150 9.02 33.34 -0.11
N LEU C 151 8.26 32.83 -1.07
CA LEU C 151 8.31 33.37 -2.42
C LEU C 151 7.69 34.77 -2.52
N LEU C 152 6.59 35.01 -1.82
CA LEU C 152 5.96 36.32 -1.84
C LEU C 152 7.01 37.34 -1.38
N GLU C 153 7.68 37.00 -0.29
CA GLU C 153 8.73 37.85 0.29
C GLU C 153 9.81 38.13 -0.72
N GLU C 154 10.28 37.08 -1.39
CA GLU C 154 11.32 37.21 -2.38
C GLU C 154 10.87 38.10 -3.53
N PHE C 155 9.68 37.82 -4.04
CA PHE C 155 9.12 38.58 -5.16
C PHE C 155 9.00 40.07 -4.84
N LEU C 156 8.67 40.40 -3.60
CA LEU C 156 8.56 41.80 -3.19
C LEU C 156 9.96 42.40 -3.14
N LYS C 157 10.86 41.69 -2.47
CA LYS C 157 12.24 42.14 -2.33
C LYS C 157 12.85 42.38 -3.71
N ALA C 158 12.37 41.67 -4.72
CA ALA C 158 12.92 41.85 -6.06
C ALA C 158 12.05 42.76 -6.92
N GLY C 159 11.09 43.43 -6.29
CA GLY C 159 10.21 44.33 -7.01
C GLY C 159 9.43 43.69 -8.14
N LYS C 160 9.24 42.37 -8.07
CA LYS C 160 8.50 41.67 -9.10
C LYS C 160 7.00 41.83 -8.89
N ILE C 161 6.61 41.98 -7.63
CA ILE C 161 5.21 42.14 -7.30
C ILE C 161 5.09 43.31 -6.31
N THR D 1 -22.02 -8.26 -1.82
CA THR D 1 -22.33 -6.92 -2.41
C THR D 1 -21.06 -6.11 -2.67
N LEU D 2 -20.00 -6.80 -3.08
CA LEU D 2 -18.73 -6.13 -3.36
C LEU D 2 -18.53 -5.96 -4.87
N GLN D 3 -18.41 -4.71 -5.31
CA GLN D 3 -18.22 -4.43 -6.72
C GLN D 3 -16.77 -4.69 -7.15
N PRO D 4 -16.57 -5.05 -8.42
CA PRO D 4 -15.24 -5.34 -8.98
C PRO D 4 -14.16 -4.28 -8.68
N THR D 5 -14.42 -3.04 -9.06
CA THR D 5 -13.44 -1.99 -8.82
C THR D 5 -13.25 -1.72 -7.34
N GLU D 6 -14.21 -2.12 -6.51
CA GLU D 6 -14.07 -1.95 -5.07
C GLU D 6 -13.10 -3.02 -4.58
N ALA D 7 -13.28 -4.22 -5.12
CA ALA D 7 -12.43 -5.35 -4.77
C ALA D 7 -11.01 -5.11 -5.28
N ALA D 8 -10.89 -4.55 -6.48
CA ALA D 8 -9.59 -4.27 -7.07
C ALA D 8 -8.84 -3.24 -6.24
N TYR D 9 -9.56 -2.19 -5.84
CA TYR D 9 -8.96 -1.15 -5.02
C TYR D 9 -8.44 -1.76 -3.73
N ILE D 10 -9.27 -2.58 -3.09
CA ILE D 10 -8.92 -3.22 -1.83
C ILE D 10 -7.70 -4.12 -1.96
N ALA D 11 -7.63 -4.85 -3.08
CA ALA D 11 -6.51 -5.73 -3.35
C ALA D 11 -5.23 -4.91 -3.50
N GLY D 12 -5.35 -3.78 -4.20
CA GLY D 12 -4.19 -2.93 -4.38
C GLY D 12 -3.75 -2.29 -3.06
N PHE D 13 -4.73 -1.85 -2.27
CA PHE D 13 -4.41 -1.23 -0.99
C PHE D 13 -3.81 -2.26 -0.04
N LEU D 14 -4.30 -3.50 -0.14
CA LEU D 14 -3.82 -4.59 0.69
C LEU D 14 -2.39 -4.93 0.29
N ASP D 15 -2.10 -4.87 -1.01
CA ASP D 15 -0.75 -5.17 -1.50
C ASP D 15 0.22 -4.12 -0.99
N GLY D 16 -0.31 -2.92 -0.76
CA GLY D 16 0.51 -1.82 -0.29
C GLY D 16 0.68 -1.82 1.22
N ASP D 17 -0.33 -1.33 1.91
CA ASP D 17 -0.30 -1.25 3.36
C ASP D 17 -0.89 -2.44 4.08
N GLY D 18 -1.10 -3.54 3.36
CA GLY D 18 -1.70 -4.70 3.99
C GLY D 18 -0.78 -5.87 4.22
N SER D 19 -1.34 -6.91 4.80
CA SER D 19 -0.57 -8.11 5.12
C SER D 19 -1.46 -9.33 5.20
N ILE D 20 -1.01 -10.40 4.56
CA ILE D 20 -1.74 -11.66 4.58
C ILE D 20 -0.75 -12.61 5.22
N TYR D 21 -1.14 -13.20 6.34
CA TYR D 21 -0.24 -14.09 7.07
C TYR D 21 -0.96 -15.19 7.81
N ALA D 22 -0.16 -16.13 8.28
CA ALA D 22 -0.62 -17.28 9.04
C ALA D 22 0.44 -17.55 10.11
N LEU D 23 -0.02 -18.04 11.26
CA LEU D 23 0.90 -18.31 12.36
C LEU D 23 0.34 -19.39 13.29
N LEU D 24 1.19 -19.84 14.22
CA LEU D 24 0.81 -20.85 15.19
C LEU D 24 0.67 -20.21 16.55
N ILE D 25 -0.46 -20.43 17.19
CA ILE D 25 -0.69 -19.87 18.52
C ILE D 25 -0.67 -21.01 19.53
N PRO D 26 0.29 -20.96 20.47
CA PRO D 26 0.30 -22.05 21.45
C PRO D 26 -0.99 -21.93 22.28
N ARG D 27 -1.66 -23.05 22.52
CA ARG D 27 -2.91 -23.03 23.31
C ARG D 27 -2.77 -24.03 24.46
N PRO D 28 -2.47 -23.53 25.67
CA PRO D 28 -2.30 -24.38 26.86
C PRO D 28 -3.49 -25.29 27.17
N ASP D 29 -4.69 -24.81 26.84
CA ASP D 29 -5.92 -25.54 27.10
C ASP D 29 -6.41 -26.50 26.02
N TYR D 30 -5.61 -26.72 24.97
CA TYR D 30 -6.04 -27.64 23.92
C TYR D 30 -5.79 -29.10 24.32
N LYS D 31 -6.42 -30.03 23.59
CA LYS D 31 -6.29 -31.45 23.86
C LYS D 31 -5.06 -32.10 23.20
N ASP D 32 -5.29 -32.90 22.17
CA ASP D 32 -4.19 -33.59 21.49
C ASP D 32 -3.10 -32.64 21.01
N ILE D 33 -3.46 -31.72 20.11
CA ILE D 33 -2.50 -30.78 19.56
C ILE D 33 -2.71 -29.41 20.19
N LYS D 34 -1.72 -28.96 20.97
CA LYS D 34 -1.82 -27.69 21.68
C LYS D 34 -1.47 -26.44 20.87
N TYR D 35 -1.89 -26.43 19.62
CA TYR D 35 -1.63 -25.28 18.76
C TYR D 35 -2.81 -24.95 17.88
N GLN D 36 -2.91 -23.69 17.51
CA GLN D 36 -4.00 -23.25 16.66
C GLN D 36 -3.43 -22.50 15.46
N VAL D 37 -3.93 -22.80 14.28
CA VAL D 37 -3.47 -22.10 13.10
C VAL D 37 -4.34 -20.86 12.96
N SER D 38 -3.73 -19.70 13.18
CA SER D 38 -4.43 -18.44 13.07
C SER D 38 -4.15 -17.91 11.66
N LEU D 39 -5.20 -17.55 10.95
CA LEU D 39 -5.08 -17.04 9.57
C LEU D 39 -5.62 -15.63 9.52
N ALA D 40 -5.00 -14.78 8.70
CA ALA D 40 -5.46 -13.41 8.65
C ALA D 40 -4.97 -12.56 7.49
N ILE D 41 -5.67 -11.46 7.30
CA ILE D 41 -5.28 -10.46 6.34
C ILE D 41 -5.51 -9.20 7.15
N SER D 42 -4.68 -8.19 6.97
CA SER D 42 -4.88 -6.97 7.72
C SER D 42 -4.47 -5.77 6.91
N PHE D 43 -4.99 -4.62 7.31
CA PHE D 43 -4.65 -3.37 6.67
C PHE D 43 -4.14 -2.51 7.81
N ILE D 44 -3.07 -1.75 7.53
CA ILE D 44 -2.48 -0.89 8.53
C ILE D 44 -2.38 0.53 7.99
N GLN D 45 -2.59 1.51 8.86
CA GLN D 45 -2.51 2.90 8.46
C GLN D 45 -2.27 3.75 9.69
N ARG D 46 -1.71 4.94 9.49
CA ARG D 46 -1.46 5.83 10.61
C ARG D 46 -2.80 6.27 11.23
N LYS D 47 -2.82 6.35 12.56
CA LYS D 47 -3.98 6.77 13.36
C LYS D 47 -4.97 7.71 12.68
N ASP D 48 -4.51 8.92 12.39
CA ASP D 48 -5.34 9.95 11.76
C ASP D 48 -6.08 9.51 10.51
N LYS D 49 -5.71 8.35 9.96
CA LYS D 49 -6.37 7.88 8.76
C LYS D 49 -7.31 6.69 9.00
N PHE D 50 -7.60 6.43 10.27
CA PHE D 50 -8.48 5.33 10.67
C PHE D 50 -9.79 5.22 9.88
N PRO D 51 -10.44 6.36 9.60
CA PRO D 51 -11.71 6.27 8.84
C PRO D 51 -11.63 5.59 7.48
N TYR D 52 -10.45 5.58 6.85
CA TYR D 52 -10.31 4.92 5.56
C TYR D 52 -10.40 3.41 5.71
N LEU D 53 -9.92 2.91 6.84
CA LEU D 53 -9.98 1.50 7.15
C LEU D 53 -11.44 1.15 7.42
N GLN D 54 -12.12 2.03 8.15
CA GLN D 54 -13.53 1.85 8.46
C GLN D 54 -14.32 1.65 7.18
N ASP D 55 -13.98 2.42 6.16
CA ASP D 55 -14.68 2.29 4.89
C ASP D 55 -14.49 0.89 4.31
N ILE D 56 -13.26 0.38 4.32
CA ILE D 56 -13.00 -0.97 3.77
C ILE D 56 -13.76 -2.00 4.61
N TYR D 57 -13.78 -1.78 5.91
CA TYR D 57 -14.49 -2.65 6.84
C TYR D 57 -15.95 -2.76 6.40
N ASP D 58 -16.59 -1.61 6.16
CA ASP D 58 -17.98 -1.61 5.72
C ASP D 58 -18.14 -2.32 4.37
N GLN D 59 -17.14 -2.13 3.51
CA GLN D 59 -17.16 -2.74 2.18
C GLN D 59 -16.96 -4.25 2.22
N LEU D 60 -16.37 -4.75 3.32
CA LEU D 60 -16.15 -6.17 3.47
C LEU D 60 -17.17 -6.76 4.45
N GLY D 61 -18.36 -6.16 4.47
CA GLY D 61 -19.43 -6.63 5.31
C GLY D 61 -19.17 -6.56 6.80
N LYS D 62 -18.37 -5.59 7.22
CA LYS D 62 -18.06 -5.43 8.63
C LYS D 62 -17.48 -6.67 9.29
N ARG D 63 -16.73 -7.47 8.53
CA ARG D 63 -16.12 -8.67 9.08
C ARG D 63 -14.75 -8.25 9.63
N GLY D 64 -14.31 -8.88 10.70
CA GLY D 64 -13.02 -8.54 11.26
C GLY D 64 -13.10 -7.55 12.41
N ASN D 65 -11.94 -7.06 12.84
CA ASN D 65 -11.87 -6.13 13.95
C ASN D 65 -11.02 -4.92 13.65
N LEU D 66 -11.51 -3.76 14.05
CA LEU D 66 -10.83 -2.48 13.84
C LEU D 66 -10.20 -2.01 15.14
N ARG D 67 -9.09 -1.28 15.04
CA ARG D 67 -8.42 -0.72 16.20
C ARG D 67 -8.05 0.68 15.80
N LYS D 68 -8.59 1.65 16.52
CA LYS D 68 -8.30 3.05 16.24
C LYS D 68 -6.81 3.25 16.50
N ASP D 69 -6.29 2.56 17.51
CA ASP D 69 -4.88 2.69 17.88
C ASP D 69 -4.34 1.38 18.46
N ARG D 70 -3.35 0.79 17.79
CA ARG D 70 -2.75 -0.44 18.26
C ARG D 70 -2.03 -0.17 19.58
N GLY D 71 -1.67 1.09 19.79
CA GLY D 71 -0.98 1.49 21.00
C GLY D 71 0.27 2.28 20.65
N ASP D 72 0.63 2.30 19.36
CA ASP D 72 1.82 3.02 18.90
C ASP D 72 1.51 4.10 17.88
N GLY D 73 0.30 4.65 17.92
CA GLY D 73 -0.08 5.70 16.98
C GLY D 73 -0.47 5.18 15.61
N ILE D 74 -0.58 3.85 15.50
CA ILE D 74 -0.97 3.20 14.25
C ILE D 74 -2.31 2.48 14.43
N ALA D 75 -3.19 2.64 13.45
CA ALA D 75 -4.50 1.99 13.49
C ALA D 75 -4.44 0.76 12.58
N ASP D 76 -5.31 -0.21 12.81
CA ASP D 76 -5.33 -1.38 11.94
C ASP D 76 -6.71 -2.04 11.86
N TYR D 77 -6.85 -2.87 10.83
CA TYR D 77 -8.08 -3.59 10.57
C TYR D 77 -7.66 -5.03 10.26
N ARG D 78 -7.96 -5.95 11.17
CA ARG D 78 -7.60 -7.35 11.05
C ARG D 78 -8.79 -8.28 10.83
N ILE D 79 -8.69 -9.13 9.81
CA ILE D 79 -9.75 -10.08 9.49
C ILE D 79 -9.16 -11.47 9.77
N ILE D 80 -9.65 -12.09 10.83
CA ILE D 80 -9.13 -13.36 11.26
C ILE D 80 -10.11 -14.54 11.17
N GLY D 81 -9.57 -15.71 10.82
CA GLY D 81 -10.39 -16.91 10.76
C GLY D 81 -10.87 -17.33 9.39
N SER D 82 -11.05 -18.65 9.27
CA SER D 82 -11.51 -19.32 8.07
C SER D 82 -12.85 -18.80 7.56
N THR D 83 -13.81 -18.68 8.47
CA THR D 83 -15.16 -18.23 8.14
C THR D 83 -15.14 -16.97 7.32
N HIS D 84 -14.51 -15.92 7.85
CA HIS D 84 -14.42 -14.64 7.16
C HIS D 84 -13.56 -14.68 5.93
N LEU D 85 -12.38 -15.29 6.05
CA LEU D 85 -11.47 -15.33 4.92
C LEU D 85 -11.91 -16.20 3.76
N SER D 86 -12.71 -17.22 4.01
CA SER D 86 -13.16 -18.08 2.93
C SER D 86 -14.16 -17.29 2.06
N ILE D 87 -14.71 -16.22 2.62
CA ILE D 87 -15.66 -15.40 1.89
C ILE D 87 -14.97 -14.22 1.23
N ILE D 88 -14.09 -13.56 1.97
CA ILE D 88 -13.38 -12.40 1.46
C ILE D 88 -12.25 -12.69 0.48
N LEU D 89 -11.36 -13.61 0.83
CA LEU D 89 -10.24 -13.89 -0.06
C LEU D 89 -10.64 -14.19 -1.50
N PRO D 90 -11.63 -15.08 -1.71
CA PRO D 90 -12.04 -15.38 -3.10
C PRO D 90 -12.38 -14.12 -3.91
N ASP D 91 -12.85 -13.08 -3.21
CA ASP D 91 -13.20 -11.82 -3.84
C ASP D 91 -11.98 -10.96 -4.20
N LEU D 92 -10.92 -11.05 -3.40
CA LEU D 92 -9.72 -10.26 -3.64
C LEU D 92 -8.64 -10.95 -4.48
N VAL D 93 -8.60 -12.28 -4.45
CA VAL D 93 -7.58 -13.02 -5.21
C VAL D 93 -7.51 -12.63 -6.68
N PRO D 94 -8.66 -12.41 -7.34
CA PRO D 94 -8.61 -12.03 -8.75
C PRO D 94 -7.78 -10.77 -9.01
N TYR D 95 -7.73 -9.87 -8.02
CA TYR D 95 -6.97 -8.65 -8.20
C TYR D 95 -5.66 -8.51 -7.43
N LEU D 96 -5.40 -9.41 -6.48
CA LEU D 96 -4.14 -9.33 -5.73
C LEU D 96 -2.97 -9.66 -6.66
N ARG D 97 -1.85 -9.00 -6.45
CA ARG D 97 -0.66 -9.25 -7.27
C ARG D 97 0.49 -9.70 -6.37
N ILE D 98 0.99 -8.76 -5.58
CA ILE D 98 2.10 -8.99 -4.66
C ILE D 98 1.85 -10.07 -3.61
N LYS D 99 0.66 -10.08 -3.03
CA LYS D 99 0.34 -11.06 -1.99
C LYS D 99 -0.61 -12.16 -2.45
N LYS D 100 -0.77 -12.30 -3.76
CA LYS D 100 -1.67 -13.32 -4.33
C LYS D 100 -1.34 -14.72 -3.79
N LYS D 101 -0.07 -15.10 -3.85
CA LYS D 101 0.31 -16.42 -3.38
C LYS D 101 -0.01 -16.62 -1.90
N GLN D 102 0.28 -15.62 -1.07
CA GLN D 102 -0.04 -15.73 0.34
C GLN D 102 -1.52 -16.03 0.49
N ALA D 103 -2.35 -15.34 -0.29
CA ALA D 103 -3.80 -15.52 -0.27
C ALA D 103 -4.20 -16.94 -0.66
N ASN D 104 -3.62 -17.46 -1.75
CA ASN D 104 -3.95 -18.80 -2.17
C ASN D 104 -3.47 -19.86 -1.18
N ARG D 105 -2.39 -19.56 -0.47
CA ARG D 105 -1.90 -20.51 0.53
C ARG D 105 -2.84 -20.52 1.75
N ILE D 106 -3.39 -19.37 2.14
CA ILE D 106 -4.31 -19.36 3.27
C ILE D 106 -5.51 -20.22 2.84
N LEU D 107 -6.01 -19.95 1.64
CA LEU D 107 -7.13 -20.71 1.10
C LEU D 107 -6.83 -22.22 1.12
N HIS D 108 -5.58 -22.58 0.84
CA HIS D 108 -5.24 -23.99 0.84
C HIS D 108 -5.31 -24.56 2.26
N ILE D 109 -4.80 -23.80 3.22
CA ILE D 109 -4.83 -24.22 4.61
C ILE D 109 -6.28 -24.42 5.07
N ILE D 110 -7.18 -23.56 4.60
CA ILE D 110 -8.59 -23.65 4.97
C ILE D 110 -9.19 -24.95 4.44
N ASN D 111 -8.76 -25.37 3.24
CA ASN D 111 -9.24 -26.61 2.64
C ASN D 111 -8.80 -27.85 3.44
N LEU D 112 -7.58 -27.82 3.97
CA LEU D 112 -6.99 -28.92 4.72
C LEU D 112 -7.29 -28.97 6.19
N TYR D 113 -7.52 -27.80 6.78
CA TYR D 113 -7.76 -27.69 8.21
C TYR D 113 -8.72 -28.71 8.84
N PRO D 114 -9.95 -28.79 8.33
CA PRO D 114 -10.92 -29.74 8.89
C PRO D 114 -10.35 -31.12 9.25
N GLN D 115 -9.63 -31.73 8.33
CA GLN D 115 -9.06 -33.05 8.54
C GLN D 115 -7.71 -33.06 9.28
N ALA D 116 -7.08 -31.90 9.41
CA ALA D 116 -5.78 -31.83 10.07
C ALA D 116 -5.92 -31.59 11.57
N GLN D 117 -7.09 -31.14 12.00
CA GLN D 117 -7.38 -30.86 13.40
C GLN D 117 -6.83 -31.88 14.40
N LYS D 118 -7.46 -33.06 14.50
CA LYS D 118 -7.01 -34.07 15.45
C LYS D 118 -6.10 -35.11 14.81
N ASN D 119 -5.35 -34.69 13.81
CA ASN D 119 -4.44 -35.60 13.13
C ASN D 119 -3.04 -34.99 13.11
N PRO D 120 -2.16 -35.43 14.02
CA PRO D 120 -0.80 -34.89 14.10
C PRO D 120 -0.03 -34.85 12.78
N SER D 121 0.00 -35.99 12.09
CA SER D 121 0.72 -36.08 10.83
C SER D 121 0.20 -35.09 9.78
N LYS D 122 -1.12 -34.95 9.66
CA LYS D 122 -1.69 -34.02 8.70
C LYS D 122 -1.54 -32.59 9.19
N PHE D 123 -1.63 -32.40 10.50
CA PHE D 123 -1.47 -31.07 11.07
C PHE D 123 -0.08 -30.52 10.74
N LEU D 124 0.91 -31.41 10.61
CA LEU D 124 2.26 -31.01 10.28
C LEU D 124 2.33 -30.55 8.82
N ASP D 125 1.70 -31.31 7.94
CA ASP D 125 1.67 -30.97 6.52
C ASP D 125 1.08 -29.56 6.42
N LEU D 126 0.05 -29.33 7.20
CA LEU D 126 -0.61 -28.04 7.24
C LEU D 126 0.36 -26.97 7.74
N VAL D 127 1.14 -27.29 8.77
CA VAL D 127 2.10 -26.35 9.33
C VAL D 127 3.24 -26.04 8.35
N LYS D 128 3.50 -26.97 7.44
CA LYS D 128 4.54 -26.76 6.43
C LYS D 128 4.09 -25.56 5.60
N ILE D 129 2.80 -25.49 5.32
CA ILE D 129 2.26 -24.39 4.52
C ILE D 129 2.30 -23.09 5.28
N VAL D 130 2.11 -23.16 6.60
CA VAL D 130 2.16 -21.98 7.44
C VAL D 130 3.57 -21.38 7.34
N ASP D 131 4.59 -22.25 7.27
CA ASP D 131 5.95 -21.76 7.13
C ASP D 131 6.11 -21.12 5.76
N ASP D 132 5.54 -21.75 4.72
CA ASP D 132 5.64 -21.21 3.37
C ASP D 132 5.06 -19.80 3.26
N VAL D 133 3.87 -19.60 3.83
CA VAL D 133 3.26 -18.28 3.77
C VAL D 133 4.17 -17.29 4.51
N GLN D 134 4.68 -17.72 5.66
CA GLN D 134 5.58 -16.88 6.44
C GLN D 134 6.88 -16.60 5.67
N ASN D 135 7.36 -17.59 4.91
CA ASN D 135 8.60 -17.37 4.15
C ASN D 135 8.33 -16.44 2.98
N LEU D 136 7.11 -16.50 2.44
CA LEU D 136 6.74 -15.63 1.32
C LEU D 136 6.74 -14.18 1.79
N ASN D 137 6.63 -13.98 3.10
CA ASN D 137 6.63 -12.63 3.66
C ASN D 137 8.01 -12.19 4.16
N LYS D 138 9.05 -12.86 3.67
CA LYS D 138 10.42 -12.53 4.07
C LYS D 138 11.28 -12.13 2.88
N ARG D 139 12.48 -11.64 3.17
CA ARG D 139 13.43 -11.30 2.13
C ARG D 139 14.17 -12.62 1.90
N ALA D 140 14.71 -12.83 0.70
CA ALA D 140 15.40 -14.09 0.40
C ALA D 140 16.61 -14.39 1.28
N ASP D 141 17.19 -13.35 1.88
CA ASP D 141 18.36 -13.52 2.72
C ASP D 141 18.03 -13.82 4.19
N GLU D 142 16.75 -13.76 4.54
CA GLU D 142 16.35 -14.01 5.92
C GLU D 142 16.19 -15.48 6.30
N LEU D 143 16.29 -15.75 7.59
CA LEU D 143 16.15 -17.11 8.10
C LEU D 143 14.70 -17.58 8.02
N LYS D 144 14.48 -18.65 7.27
CA LYS D 144 13.17 -19.26 7.06
C LYS D 144 12.49 -19.65 8.37
N SER D 145 11.16 -19.68 8.34
CA SER D 145 10.38 -20.04 9.52
C SER D 145 10.62 -21.50 9.88
N THR D 146 10.50 -21.80 11.17
CA THR D 146 10.74 -23.16 11.68
C THR D 146 9.58 -23.76 12.46
N ASN D 147 8.35 -23.50 12.02
CA ASN D 147 7.19 -24.04 12.69
C ASN D 147 7.08 -25.53 12.49
N TYR D 148 7.42 -25.98 11.28
CA TYR D 148 7.33 -27.39 10.98
C TYR D 148 8.38 -28.19 11.75
N ASP D 149 9.63 -27.79 11.63
CA ASP D 149 10.71 -28.50 12.32
C ASP D 149 10.50 -28.60 13.84
N ARG D 150 10.18 -27.49 14.48
CA ARG D 150 9.98 -27.51 15.92
C ARG D 150 8.74 -28.30 16.34
N LEU D 151 7.68 -28.21 15.56
CA LEU D 151 6.45 -28.93 15.88
C LEU D 151 6.65 -30.44 15.71
N LEU D 152 7.39 -30.83 14.69
CA LEU D 152 7.63 -32.25 14.47
C LEU D 152 8.40 -32.80 15.66
N GLU D 153 9.46 -32.10 16.05
CA GLU D 153 10.27 -32.53 17.18
C GLU D 153 9.43 -32.62 18.44
N GLU D 154 8.45 -31.74 18.59
CA GLU D 154 7.61 -31.78 19.77
C GLU D 154 6.68 -32.98 19.68
N PHE D 155 6.08 -33.17 18.50
CA PHE D 155 5.18 -34.30 18.31
C PHE D 155 5.93 -35.61 18.55
N LEU D 156 7.18 -35.70 18.10
CA LEU D 156 7.98 -36.91 18.28
C LEU D 156 8.24 -37.20 19.77
N LYS D 157 8.67 -36.17 20.50
CA LYS D 157 8.95 -36.31 21.93
C LYS D 157 7.68 -36.45 22.76
N ALA D 158 6.53 -36.15 22.15
CA ALA D 158 5.26 -36.28 22.85
C ALA D 158 4.57 -37.60 22.50
N GLY D 159 5.21 -38.41 21.66
CA GLY D 159 4.64 -39.68 21.26
C GLY D 159 3.45 -39.56 20.32
N LYS D 160 3.21 -38.35 19.81
CA LYS D 160 2.10 -38.10 18.90
C LYS D 160 2.36 -38.59 17.48
N ILE D 161 3.63 -38.76 17.14
CA ILE D 161 4.04 -39.25 15.83
C ILE D 161 5.17 -40.26 16.04
N GLU D 162 5.22 -41.27 15.19
CA GLU D 162 6.24 -42.32 15.31
C GLU D 162 7.43 -42.21 14.36
N SER D 163 7.31 -41.43 13.29
CA SER D 163 8.42 -41.32 12.33
C SER D 163 8.84 -39.88 12.03
#